data_6KRX
#
_entry.id   6KRX
#
_cell.length_a   116.536
_cell.length_b   38.970
_cell.length_c   75.525
_cell.angle_alpha   90.000
_cell.angle_beta   110.815
_cell.angle_gamma   90.000
#
_symmetry.space_group_name_H-M   'C 1 2 1'
#
loop_
_entity.id
_entity.type
_entity.pdbx_description
1 polymer 'Protein-tyrosine-phosphatase PTP1'
2 non-polymer 'IODIDE ION'
3 non-polymer 'CITRATE ANION'
4 water water
#
_entity_poly.entity_id   1
_entity_poly.type   'polypeptide(L)'
_entity_poly.pdbx_seq_one_letter_code
;MATGKTSSAANLFTGSTRFDLSSADSPPSKLSLSSDQLNHCHQALGVFRGKIQNPDSIAHEFTGLQANRMWPSELLLNST
VAMNSVNVEKNRYSDVVPFDKNRIVLNPCKDSSAKGYVNASLIKTSESESISQFIATQGPLPHTMEDFWEMVIQQHCPII
VMLTRLVDNNRTVKCGDYFQDEDGPREFGNISLTTKWIKTTDTSLMLRNLEVNYKETEDQPMSVLHIQYPEWPDHGVPKD
TVAVREILKRLYQVPPSLGPIIVHCSAGIGRTGTYCAIHNTIQRILAGDMSALDLAKTVALFRKQRIGMVQTMDQYFFCY
NAIVDELEDLTAGTNAGTSS
;
_entity_poly.pdbx_strand_id   A
#
loop_
_chem_comp.id
_chem_comp.type
_chem_comp.name
_chem_comp.formula
FLC non-polymer 'CITRATE ANION' 'C6 H5 O7 -3'
IOD non-polymer 'IODIDE ION' 'I -1'
#
# COMPACT_ATOMS: atom_id res chain seq x y z
N LEU A 31 17.49 14.05 -4.82
CA LEU A 31 16.45 14.81 -5.61
C LEU A 31 16.93 16.25 -5.82
N SER A 32 16.71 16.79 -7.02
CA SER A 32 16.90 18.24 -7.27
C SER A 32 15.62 18.97 -6.88
N LEU A 33 15.69 19.89 -5.92
CA LEU A 33 14.47 20.59 -5.42
C LEU A 33 14.51 22.06 -5.82
N SER A 34 13.33 22.62 -6.09
CA SER A 34 13.22 24.08 -6.31
C SER A 34 13.34 24.79 -4.95
N SER A 35 13.48 26.11 -4.96
CA SER A 35 13.46 26.90 -3.70
C SER A 35 12.13 26.64 -2.97
N ASP A 36 11.04 26.60 -3.72
CA ASP A 36 9.71 26.44 -3.08
C ASP A 36 9.67 25.06 -2.40
N GLN A 37 10.16 24.03 -3.09
CA GLN A 37 10.12 22.66 -2.50
C GLN A 37 11.03 22.59 -1.27
N LEU A 38 12.22 23.19 -1.34
CA LEU A 38 13.14 23.13 -0.17
C LEU A 38 12.51 23.89 1.00
N ASN A 39 11.89 25.04 0.76
CA ASN A 39 11.26 25.83 1.85
C ASN A 39 10.13 24.97 2.45
N HIS A 40 9.33 24.35 1.59
CA HIS A 40 8.20 23.54 2.10
C HIS A 40 8.73 22.36 2.90
N CYS A 41 9.83 21.75 2.46
CA CYS A 41 10.37 20.61 3.24
C CYS A 41 10.81 21.09 4.63
N HIS A 42 11.46 22.25 4.70
CA HIS A 42 11.92 22.82 6.00
C HIS A 42 10.71 23.14 6.86
N GLN A 43 9.69 23.73 6.26
CA GLN A 43 8.46 24.11 7.00
C GLN A 43 7.82 22.85 7.57
N ALA A 44 7.63 21.83 6.73
CA ALA A 44 7.06 20.53 7.18
C ALA A 44 7.95 19.90 8.27
N LEU A 45 9.26 19.94 8.10
CA LEU A 45 10.16 19.28 9.07
C LEU A 45 9.98 19.93 10.45
N GLY A 46 9.92 21.27 10.51
CA GLY A 46 9.72 21.92 11.83
C GLY A 46 8.42 21.47 12.48
N VAL A 47 7.37 21.32 11.70
CA VAL A 47 6.06 20.90 12.26
C VAL A 47 6.14 19.43 12.72
N PHE A 48 6.58 18.54 11.84
CA PHE A 48 6.58 17.09 12.16
C PHE A 48 7.59 16.84 13.30
N ARG A 49 8.74 17.51 13.27
CA ARG A 49 9.74 17.24 14.34
C ARG A 49 9.20 17.81 15.68
N GLY A 50 8.50 18.94 15.62
CA GLY A 50 7.84 19.51 16.82
C GLY A 50 6.90 18.51 17.44
N LYS A 51 6.17 17.78 16.60
CA LYS A 51 5.18 16.78 17.09
C LYS A 51 5.94 15.62 17.75
N ILE A 52 7.03 15.14 17.14
CA ILE A 52 7.72 13.98 17.78
C ILE A 52 8.38 14.44 19.10
N GLN A 53 8.69 15.73 19.21
CA GLN A 53 9.29 16.29 20.45
C GLN A 53 8.19 16.49 21.52
N ASN A 54 6.93 16.40 21.10
CA ASN A 54 5.74 16.55 21.98
C ASN A 54 4.83 15.35 21.78
N PRO A 55 5.30 14.11 22.08
CA PRO A 55 4.59 12.90 21.68
C PRO A 55 3.16 12.77 22.21
N ASP A 56 2.82 13.48 23.30
CA ASP A 56 1.42 13.47 23.77
C ASP A 56 0.51 13.98 22.63
N SER A 57 1.01 14.93 21.83
CA SER A 57 0.19 15.50 20.73
C SER A 57 -0.15 14.40 19.73
N ILE A 58 0.84 13.59 19.39
CA ILE A 58 0.63 12.48 18.41
C ILE A 58 -0.35 11.46 19.01
N ALA A 59 -0.17 11.13 20.29
CA ALA A 59 -1.09 10.16 20.92
C ALA A 59 -2.51 10.70 20.92
N HIS A 60 -2.67 12.00 21.17
CA HIS A 60 -4.04 12.59 21.16
C HIS A 60 -4.63 12.47 19.77
N GLU A 61 -3.81 12.68 18.72
CA GLU A 61 -4.34 12.58 17.34
C GLU A 61 -4.86 11.17 17.08
N PHE A 62 -4.07 10.18 17.45
CA PHE A 62 -4.47 8.78 17.14
C PHE A 62 -5.71 8.42 17.97
N THR A 63 -5.74 8.81 19.24
N THR A 63 -5.76 8.82 19.25
CA THR A 63 -6.93 8.55 20.10
CA THR A 63 -6.97 8.49 20.05
C THR A 63 -8.16 9.20 19.47
C THR A 63 -8.20 9.20 19.47
N GLY A 64 -8.02 10.42 18.94
CA GLY A 64 -9.13 11.10 18.21
C GLY A 64 -9.57 10.31 17.00
N LEU A 65 -8.63 9.82 16.20
CA LEU A 65 -8.98 8.96 15.03
C LEU A 65 -9.75 7.73 15.51
N GLN A 66 -9.27 7.09 16.57
CA GLN A 66 -9.93 5.84 17.06
C GLN A 66 -11.37 6.20 17.51
N ALA A 67 -11.56 7.40 18.09
CA ALA A 67 -12.91 7.82 18.55
C ALA A 67 -13.86 8.11 17.37
N ASN A 68 -13.32 8.39 16.20
CA ASN A 68 -14.08 8.78 14.99
C ASN A 68 -14.17 7.60 14.02
N ARG A 69 -13.88 6.38 14.50
N ARG A 69 -13.91 6.39 14.50
CA ARG A 69 -13.90 5.18 13.62
CA ARG A 69 -13.91 5.20 13.60
C ARG A 69 -15.31 4.91 13.11
C ARG A 69 -15.32 4.90 13.11
N MET A 70 -15.40 4.27 11.94
CA MET A 70 -16.68 3.85 11.36
C MET A 70 -17.27 2.73 12.23
N TRP A 71 -18.60 2.69 12.28
CA TRP A 71 -19.30 1.64 13.06
C TRP A 71 -19.47 0.43 12.15
N PRO A 72 -19.70 -0.78 12.71
CA PRO A 72 -19.80 -1.99 11.90
C PRO A 72 -20.82 -1.93 10.76
N SER A 73 -21.99 -1.34 11.02
CA SER A 73 -23.04 -1.29 9.97
C SER A 73 -22.58 -0.34 8.84
N GLU A 74 -21.75 0.66 9.17
CA GLU A 74 -21.22 1.58 8.12
C GLU A 74 -20.24 0.82 7.21
N LEU A 75 -19.47 -0.14 7.76
CA LEU A 75 -18.64 -1.02 6.91
C LEU A 75 -19.54 -1.98 6.14
N LEU A 76 -20.39 -2.70 6.86
CA LEU A 76 -21.08 -3.87 6.28
C LEU A 76 -22.11 -3.43 5.24
N LEU A 77 -22.87 -2.38 5.50
CA LEU A 77 -23.96 -1.98 4.57
C LEU A 77 -23.37 -1.24 3.35
N ASN A 78 -22.07 -0.90 3.37
CA ASN A 78 -21.46 -0.14 2.24
C ASN A 78 -20.41 -1.00 1.54
N SER A 79 -20.32 -2.27 1.94
CA SER A 79 -19.39 -3.26 1.33
C SER A 79 -20.19 -4.49 0.89
N THR A 80 -21.26 -4.26 0.11
CA THR A 80 -22.27 -5.31 -0.17
C THR A 80 -21.67 -6.37 -1.09
N VAL A 81 -20.84 -5.97 -2.05
CA VAL A 81 -20.26 -6.97 -2.99
C VAL A 81 -19.28 -7.89 -2.26
N ALA A 82 -18.42 -7.31 -1.40
CA ALA A 82 -17.43 -8.10 -0.64
C ALA A 82 -18.12 -9.12 0.26
N MET A 83 -19.32 -8.78 0.74
CA MET A 83 -20.01 -9.59 1.79
C MET A 83 -20.97 -10.58 1.11
N ASN A 84 -21.09 -10.51 -0.21
CA ASN A 84 -21.95 -11.44 -0.98
C ASN A 84 -21.46 -12.88 -0.79
N SER A 85 -22.38 -13.83 -0.75
CA SER A 85 -22.02 -15.26 -0.51
C SER A 85 -21.03 -15.74 -1.58
N VAL A 86 -21.11 -15.21 -2.81
CA VAL A 86 -20.18 -15.71 -3.87
C VAL A 86 -18.76 -15.24 -3.56
N ASN A 87 -18.61 -14.20 -2.72
CA ASN A 87 -17.29 -13.52 -2.59
C ASN A 87 -16.68 -13.69 -1.20
N VAL A 88 -17.42 -14.20 -0.22
CA VAL A 88 -16.92 -14.18 1.19
C VAL A 88 -15.61 -14.98 1.29
N GLU A 89 -15.44 -16.05 0.50
CA GLU A 89 -14.23 -16.90 0.58
C GLU A 89 -13.02 -16.24 -0.12
N LYS A 90 -13.23 -15.09 -0.76
CA LYS A 90 -12.16 -14.35 -1.48
C LYS A 90 -11.57 -13.31 -0.52
N ASN A 91 -12.03 -13.30 0.73
CA ASN A 91 -11.55 -12.35 1.76
C ASN A 91 -10.68 -13.11 2.75
N ARG A 92 -9.42 -12.68 2.90
CA ARG A 92 -8.51 -13.31 3.90
C ARG A 92 -9.05 -13.12 5.31
N TYR A 93 -9.57 -11.92 5.61
CA TYR A 93 -10.13 -11.53 6.92
C TYR A 93 -11.57 -11.10 6.69
N SER A 94 -12.50 -11.65 7.45
CA SER A 94 -13.93 -11.43 7.11
C SER A 94 -14.28 -9.96 7.39
N ASP A 95 -13.50 -9.30 8.25
CA ASP A 95 -13.82 -7.92 8.70
C ASP A 95 -12.97 -6.88 7.95
N VAL A 96 -12.16 -7.29 6.98
CA VAL A 96 -11.38 -6.30 6.17
C VAL A 96 -11.80 -6.47 4.71
N VAL A 97 -12.72 -5.62 4.27
CA VAL A 97 -13.32 -5.68 2.92
C VAL A 97 -13.32 -4.28 2.33
N PRO A 98 -13.27 -4.14 0.99
CA PRO A 98 -13.40 -2.84 0.34
C PRO A 98 -14.85 -2.35 0.31
N PHE A 99 -15.00 -1.03 0.42
CA PHE A 99 -16.29 -0.34 0.13
C PHE A 99 -16.67 -0.53 -1.33
N ASP A 100 -17.98 -0.64 -1.59
CA ASP A 100 -18.49 -0.68 -2.99
C ASP A 100 -18.04 0.55 -3.81
N LYS A 101 -17.92 1.73 -3.19
CA LYS A 101 -17.73 2.99 -3.94
C LYS A 101 -16.34 3.05 -4.58
N ASN A 102 -15.34 2.30 -4.09
CA ASN A 102 -13.97 2.49 -4.65
C ASN A 102 -13.24 1.16 -4.75
N ARG A 103 -13.97 0.04 -4.69
CA ARG A 103 -13.31 -1.27 -4.94
C ARG A 103 -12.83 -1.35 -6.40
N ILE A 104 -11.72 -2.05 -6.59
CA ILE A 104 -11.25 -2.36 -7.96
C ILE A 104 -12.13 -3.48 -8.54
N VAL A 105 -12.64 -3.24 -9.75
CA VAL A 105 -13.52 -4.24 -10.41
C VAL A 105 -12.75 -4.90 -11.56
N LEU A 106 -12.71 -6.23 -11.58
CA LEU A 106 -12.15 -7.00 -12.71
C LEU A 106 -13.15 -6.91 -13.87
N ASN A 107 -12.72 -6.34 -15.00
CA ASN A 107 -13.63 -6.14 -16.16
C ASN A 107 -12.76 -6.21 -17.41
N PRO A 108 -12.76 -7.33 -18.16
CA PRO A 108 -13.66 -8.47 -17.95
C PRO A 108 -13.29 -9.40 -16.78
N CYS A 109 -14.21 -10.30 -16.44
CA CYS A 109 -14.04 -11.27 -15.33
C CYS A 109 -14.52 -12.65 -15.77
N LYS A 110 -13.77 -13.70 -15.42
CA LYS A 110 -14.10 -15.11 -15.77
C LYS A 110 -15.47 -15.50 -15.20
N ASP A 111 -15.73 -15.15 -13.92
CA ASP A 111 -16.99 -15.56 -13.23
C ASP A 111 -18.01 -14.43 -13.37
N SER A 112 -19.04 -14.64 -14.19
CA SER A 112 -20.01 -13.55 -14.50
C SER A 112 -20.88 -13.22 -13.28
N SER A 113 -20.85 -14.03 -12.22
CA SER A 113 -21.69 -13.76 -11.01
C SER A 113 -20.89 -13.03 -9.92
N ALA A 114 -19.57 -12.85 -10.09
CA ALA A 114 -18.70 -12.32 -9.00
C ALA A 114 -18.77 -10.79 -8.90
N LYS A 115 -19.40 -10.12 -9.88
CA LYS A 115 -19.36 -8.64 -9.95
C LYS A 115 -17.90 -8.19 -9.95
N GLY A 116 -17.02 -8.96 -10.59
CA GLY A 116 -15.63 -8.54 -10.80
C GLY A 116 -14.88 -8.38 -9.49
N TYR A 117 -15.23 -9.15 -8.46
CA TYR A 117 -14.74 -8.86 -7.09
C TYR A 117 -13.28 -9.25 -6.85
N VAL A 118 -12.53 -8.28 -6.33
CA VAL A 118 -11.21 -8.55 -5.69
C VAL A 118 -11.13 -7.69 -4.43
N ASN A 119 -10.52 -8.20 -3.36
CA ASN A 119 -10.42 -7.42 -2.10
C ASN A 119 -9.32 -6.37 -2.31
N ALA A 120 -9.69 -5.22 -2.87
CA ALA A 120 -8.70 -4.20 -3.30
C ALA A 120 -9.42 -2.86 -3.37
N SER A 121 -8.74 -1.82 -2.91
CA SER A 121 -9.32 -0.46 -2.77
C SER A 121 -8.42 0.54 -3.48
N LEU A 122 -9.01 1.45 -4.28
CA LEU A 122 -8.22 2.58 -4.83
C LEU A 122 -8.10 3.67 -3.74
N ILE A 123 -6.85 4.01 -3.40
CA ILE A 123 -6.51 5.04 -2.38
C ILE A 123 -5.93 6.25 -3.09
N LYS A 124 -6.55 7.41 -2.93
CA LYS A 124 -5.98 8.61 -3.57
C LYS A 124 -6.35 9.85 -2.75
N THR A 125 -5.54 10.89 -2.89
CA THR A 125 -5.82 12.17 -2.20
C THR A 125 -6.11 13.24 -3.26
N SER A 126 -5.73 13.01 -4.52
CA SER A 126 -6.05 13.95 -5.64
C SER A 126 -5.78 13.31 -7.01
N GLU A 127 -6.00 14.05 -8.11
CA GLU A 127 -5.70 13.52 -9.47
C GLU A 127 -4.39 14.13 -9.97
N SER A 128 -3.65 14.83 -9.10
CA SER A 128 -2.32 15.36 -9.51
C SER A 128 -1.44 14.22 -10.04
N GLU A 129 -0.73 14.45 -11.15
CA GLU A 129 0.17 13.42 -11.72
C GLU A 129 1.54 13.53 -11.02
N SER A 130 1.64 14.41 -10.01
CA SER A 130 2.82 14.46 -9.13
C SER A 130 2.62 13.59 -7.88
N ILE A 131 1.43 12.98 -7.73
N ILE A 131 1.42 13.02 -7.72
CA ILE A 131 1.13 12.25 -6.47
CA ILE A 131 1.05 12.26 -6.49
C ILE A 131 0.61 10.85 -6.81
C ILE A 131 0.66 10.83 -6.91
N SER A 132 1.30 9.83 -6.32
CA SER A 132 0.92 8.42 -6.58
C SER A 132 -0.50 8.13 -6.06
N GLN A 133 -1.19 7.25 -6.78
CA GLN A 133 -2.41 6.59 -6.26
C GLN A 133 -2.06 5.15 -5.91
N PHE A 134 -2.76 4.57 -4.94
CA PHE A 134 -2.41 3.20 -4.50
C PHE A 134 -3.61 2.29 -4.73
N ILE A 135 -3.31 1.03 -4.98
CA ILE A 135 -4.32 -0.03 -4.74
C ILE A 135 -3.91 -0.76 -3.47
N ALA A 136 -4.68 -0.55 -2.41
CA ALA A 136 -4.43 -1.24 -1.13
C ALA A 136 -5.18 -2.56 -1.17
N THR A 137 -4.45 -3.67 -1.05
CA THR A 137 -5.12 -4.99 -1.20
C THR A 137 -4.62 -5.96 -0.13
N GLN A 138 -5.36 -7.06 0.07
CA GLN A 138 -4.91 -8.12 1.00
C GLN A 138 -3.79 -8.93 0.34
N GLY A 139 -3.04 -9.68 1.15
CA GLY A 139 -2.17 -10.74 0.60
C GLY A 139 -3.01 -11.78 -0.16
N PRO A 140 -2.75 -12.00 -1.46
CA PRO A 140 -3.54 -12.96 -2.24
C PRO A 140 -3.66 -14.36 -1.60
N LEU A 141 -4.85 -14.92 -1.73
CA LEU A 141 -5.12 -16.33 -1.34
C LEU A 141 -4.82 -17.20 -2.55
N PRO A 142 -4.58 -18.51 -2.36
CA PRO A 142 -4.27 -19.38 -3.50
C PRO A 142 -5.31 -19.25 -4.61
N HIS A 143 -6.59 -19.18 -4.24
CA HIS A 143 -7.69 -19.11 -5.23
C HIS A 143 -7.94 -17.68 -5.73
N THR A 144 -7.19 -16.68 -5.26
CA THR A 144 -7.39 -15.28 -5.77
C THR A 144 -6.12 -14.79 -6.49
N MET A 145 -5.17 -15.68 -6.74
CA MET A 145 -3.90 -15.25 -7.36
C MET A 145 -4.11 -14.86 -8.82
N GLU A 146 -4.95 -15.60 -9.56
CA GLU A 146 -5.28 -15.19 -10.95
C GLU A 146 -6.00 -13.82 -10.90
N ASP A 147 -6.92 -13.66 -9.96
CA ASP A 147 -7.63 -12.37 -9.75
C ASP A 147 -6.60 -11.25 -9.52
N PHE A 148 -5.62 -11.49 -8.65
CA PHE A 148 -4.58 -10.46 -8.35
C PHE A 148 -3.82 -10.06 -9.62
N TRP A 149 -3.34 -11.04 -10.39
CA TRP A 149 -2.49 -10.71 -11.54
C TRP A 149 -3.33 -10.11 -12.67
N GLU A 150 -4.60 -10.50 -12.78
CA GLU A 150 -5.48 -9.87 -13.78
C GLU A 150 -5.68 -8.40 -13.37
N MET A 151 -5.78 -8.13 -12.06
CA MET A 151 -5.91 -6.72 -11.61
C MET A 151 -4.63 -5.95 -11.99
N VAL A 152 -3.45 -6.54 -11.76
CA VAL A 152 -2.16 -5.87 -12.12
C VAL A 152 -2.18 -5.48 -13.60
N ILE A 153 -2.54 -6.42 -14.47
CA ILE A 153 -2.59 -6.11 -15.94
C ILE A 153 -3.67 -5.07 -16.24
N GLN A 154 -4.90 -5.29 -15.78
CA GLN A 154 -6.04 -4.41 -16.17
C GLN A 154 -5.80 -2.99 -15.66
N GLN A 155 -5.15 -2.85 -14.50
CA GLN A 155 -4.92 -1.51 -13.90
C GLN A 155 -3.52 -1.00 -14.29
N HIS A 156 -2.75 -1.81 -15.03
CA HIS A 156 -1.36 -1.50 -15.49
C HIS A 156 -0.54 -0.94 -14.32
N CYS A 157 -0.55 -1.67 -13.21
CA CYS A 157 0.24 -1.28 -12.02
C CYS A 157 1.72 -1.55 -12.26
N PRO A 158 2.59 -0.52 -12.18
CA PRO A 158 4.02 -0.72 -12.43
C PRO A 158 4.85 -1.25 -11.25
N ILE A 159 4.25 -1.25 -10.05
CA ILE A 159 5.00 -1.50 -8.79
C ILE A 159 4.08 -2.32 -7.89
N ILE A 160 4.67 -3.27 -7.20
CA ILE A 160 4.01 -3.95 -6.06
C ILE A 160 4.92 -3.72 -4.85
N VAL A 161 4.35 -3.16 -3.80
CA VAL A 161 5.05 -3.04 -2.49
C VAL A 161 4.43 -4.07 -1.55
N MET A 162 5.24 -5.06 -1.14
CA MET A 162 4.78 -6.17 -0.27
C MET A 162 5.44 -6.03 1.10
N LEU A 163 4.63 -5.82 2.15
CA LEU A 163 5.16 -5.45 3.49
C LEU A 163 4.96 -6.61 4.49
N THR A 164 4.94 -7.83 3.99
CA THR A 164 4.75 -9.02 4.87
C THR A 164 5.69 -10.11 4.38
N ARG A 165 6.07 -11.01 5.28
CA ARG A 165 6.51 -12.36 4.87
C ARG A 165 5.30 -13.20 4.45
N LEU A 166 5.54 -14.30 3.73
CA LEU A 166 4.43 -15.23 3.40
C LEU A 166 3.86 -15.87 4.67
N VAL A 167 4.73 -16.18 5.62
CA VAL A 167 4.39 -16.93 6.86
C VAL A 167 5.11 -16.24 8.02
N ASP A 168 4.41 -16.09 9.15
CA ASP A 168 5.01 -15.42 10.33
C ASP A 168 5.79 -16.47 11.14
N ASN A 169 6.42 -16.00 12.21
CA ASN A 169 7.30 -16.89 13.02
C ASN A 169 6.46 -17.80 13.93
N ASN A 170 5.13 -17.66 13.92
CA ASN A 170 4.21 -18.66 14.56
C ASN A 170 3.77 -19.69 13.52
N ARG A 171 4.25 -19.61 12.28
CA ARG A 171 3.87 -20.47 11.13
C ARG A 171 2.41 -20.26 10.74
N THR A 172 1.85 -19.10 11.06
CA THR A 172 0.55 -18.72 10.47
C THR A 172 0.76 -18.10 9.08
N VAL A 173 0.01 -18.58 8.10
CA VAL A 173 0.17 -18.07 6.70
C VAL A 173 -0.46 -16.68 6.65
N LYS A 174 0.29 -15.73 6.10
CA LYS A 174 -0.13 -14.30 6.09
C LYS A 174 -0.41 -13.88 4.65
N CYS A 175 0.21 -14.58 3.70
CA CYS A 175 0.10 -14.22 2.27
C CYS A 175 0.39 -15.45 1.41
N GLY A 176 -0.38 -15.62 0.34
CA GLY A 176 -0.11 -16.71 -0.61
C GLY A 176 1.15 -16.43 -1.41
N ASP A 177 1.84 -17.48 -1.85
CA ASP A 177 3.02 -17.29 -2.72
C ASP A 177 2.54 -17.09 -4.16
N TYR A 178 2.37 -15.83 -4.57
CA TYR A 178 1.87 -15.51 -5.92
C TYR A 178 3.02 -15.16 -6.86
N PHE A 179 4.28 -15.33 -6.47
CA PHE A 179 5.35 -14.69 -7.28
C PHE A 179 6.61 -15.56 -7.38
N GLN A 180 6.83 -16.51 -6.48
CA GLN A 180 8.14 -17.24 -6.50
C GLN A 180 8.15 -18.28 -7.63
N ASP A 181 9.30 -18.46 -8.27
CA ASP A 181 9.38 -19.21 -9.56
C ASP A 181 10.40 -20.36 -9.45
N GLU A 182 10.90 -20.66 -8.25
CA GLU A 182 12.03 -21.62 -8.15
C GLU A 182 11.57 -23.00 -8.64
N ASP A 183 10.30 -23.37 -8.42
CA ASP A 183 9.77 -24.70 -8.83
C ASP A 183 9.59 -24.75 -10.36
N GLY A 184 9.67 -23.60 -11.03
CA GLY A 184 9.42 -23.48 -12.49
C GLY A 184 8.63 -22.21 -12.79
N PRO A 185 8.53 -21.77 -14.07
CA PRO A 185 7.76 -20.57 -14.42
C PRO A 185 6.28 -20.69 -14.00
N ARG A 186 5.69 -19.59 -13.52
CA ARG A 186 4.38 -19.63 -12.84
C ARG A 186 3.26 -19.31 -13.83
N GLU A 187 2.14 -20.00 -13.70
CA GLU A 187 0.95 -19.72 -14.55
C GLU A 187 -0.27 -19.53 -13.64
N PHE A 188 -1.14 -18.58 -14.01
CA PHE A 188 -2.43 -18.36 -13.30
C PHE A 188 -3.51 -18.23 -14.36
N GLY A 189 -4.23 -19.32 -14.64
CA GLY A 189 -5.16 -19.31 -15.78
C GLY A 189 -4.47 -18.92 -17.07
N ASN A 190 -4.89 -17.80 -17.69
CA ASN A 190 -4.36 -17.33 -18.99
C ASN A 190 -3.10 -16.49 -18.79
N ILE A 191 -2.68 -16.28 -17.54
CA ILE A 191 -1.54 -15.36 -17.27
C ILE A 191 -0.25 -16.17 -17.03
N SER A 192 0.84 -15.71 -17.64
CA SER A 192 2.20 -16.26 -17.39
C SER A 192 3.06 -15.22 -16.68
N LEU A 193 3.79 -15.65 -15.65
CA LEU A 193 4.68 -14.77 -14.85
C LEU A 193 6.13 -15.27 -15.01
N THR A 194 7.04 -14.34 -15.28
CA THR A 194 8.49 -14.62 -15.35
C THR A 194 9.24 -13.69 -14.40
N THR A 195 10.22 -14.23 -13.67
CA THR A 195 11.17 -13.39 -12.88
C THR A 195 12.44 -13.19 -13.71
N LYS A 196 12.73 -11.95 -14.11
CA LYS A 196 13.97 -11.61 -14.88
C LYS A 196 15.19 -11.56 -13.96
N TRP A 197 15.03 -11.08 -12.73
CA TRP A 197 16.15 -11.10 -11.76
C TRP A 197 15.62 -10.81 -10.37
N ILE A 198 16.43 -11.18 -9.37
CA ILE A 198 16.14 -10.88 -7.94
C ILE A 198 17.40 -10.20 -7.38
N LYS A 199 17.22 -9.06 -6.72
CA LYS A 199 18.35 -8.37 -6.05
C LYS A 199 17.90 -8.06 -4.62
N THR A 200 18.84 -8.08 -3.67
CA THR A 200 18.51 -7.67 -2.28
C THR A 200 19.24 -6.36 -2.00
N THR A 201 18.87 -5.68 -0.92
CA THR A 201 19.52 -4.41 -0.53
C THR A 201 20.08 -4.57 0.89
N ASP A 202 20.99 -3.68 1.28
CA ASP A 202 21.57 -3.69 2.63
C ASP A 202 20.49 -3.48 3.69
N THR A 203 19.33 -2.97 3.27
CA THR A 203 18.24 -2.67 4.25
C THR A 203 17.23 -3.80 4.31
N SER A 204 17.52 -4.94 3.67
N SER A 204 17.54 -4.94 3.67
CA SER A 204 16.71 -6.18 3.75
CA SER A 204 16.74 -6.19 3.74
C SER A 204 15.59 -6.18 2.72
C SER A 204 15.59 -6.16 2.72
N LEU A 205 15.53 -5.18 1.81
CA LEU A 205 14.48 -5.24 0.75
C LEU A 205 14.86 -6.34 -0.24
N MET A 206 13.84 -7.00 -0.78
N MET A 206 13.84 -7.01 -0.79
CA MET A 206 14.07 -7.88 -1.95
CA MET A 206 14.05 -7.91 -1.94
C MET A 206 13.41 -7.27 -3.18
C MET A 206 13.41 -7.28 -3.18
N LEU A 207 14.19 -7.07 -4.25
CA LEU A 207 13.67 -6.45 -5.50
C LEU A 207 13.54 -7.53 -6.55
N ARG A 208 12.34 -7.74 -7.09
CA ARG A 208 12.19 -8.73 -8.19
C ARG A 208 11.71 -8.00 -9.44
N ASN A 209 12.41 -8.18 -10.56
CA ASN A 209 11.97 -7.65 -11.88
C ASN A 209 11.03 -8.70 -12.48
N LEU A 210 9.73 -8.40 -12.50
CA LEU A 210 8.71 -9.39 -12.95
C LEU A 210 8.17 -8.98 -14.33
N GLU A 211 7.87 -9.99 -15.14
CA GLU A 211 7.17 -9.78 -16.43
C GLU A 211 5.91 -10.63 -16.41
N VAL A 212 4.79 -10.01 -16.78
CA VAL A 212 3.50 -10.74 -16.79
C VAL A 212 2.91 -10.53 -18.19
N ASN A 213 2.33 -11.59 -18.73
CA ASN A 213 1.66 -11.48 -20.04
C ASN A 213 0.60 -12.57 -20.13
N TYR A 214 -0.36 -12.40 -21.04
CA TYR A 214 -1.30 -13.51 -21.38
C TYR A 214 -0.53 -14.54 -22.23
N LYS A 215 -0.89 -15.82 -22.09
CA LYS A 215 -0.24 -16.91 -22.86
C LYS A 215 -0.49 -16.73 -24.36
N GLU A 216 -1.75 -16.52 -24.75
CA GLU A 216 -2.14 -16.55 -26.18
C GLU A 216 -2.32 -15.11 -26.67
N THR A 217 -1.20 -14.38 -26.77
CA THR A 217 -1.19 -12.99 -27.32
C THR A 217 0.12 -12.75 -28.07
N GLU A 218 0.12 -11.69 -28.89
CA GLU A 218 1.33 -11.24 -29.64
C GLU A 218 1.79 -9.90 -29.07
N ASP A 219 0.95 -9.25 -28.24
CA ASP A 219 1.31 -7.99 -27.57
C ASP A 219 2.37 -8.26 -26.50
N GLN A 220 3.20 -7.25 -26.19
CA GLN A 220 4.42 -7.40 -25.36
C GLN A 220 4.02 -7.64 -23.90
N PRO A 221 4.94 -8.21 -23.09
CA PRO A 221 4.67 -8.40 -21.66
C PRO A 221 4.71 -7.07 -20.90
N MET A 222 4.19 -7.11 -19.67
CA MET A 222 4.17 -5.89 -18.82
C MET A 222 5.22 -6.05 -17.72
N SER A 223 6.07 -5.03 -17.54
CA SER A 223 7.13 -5.01 -16.49
C SER A 223 6.52 -4.58 -15.16
N VAL A 224 6.82 -5.31 -14.09
CA VAL A 224 6.38 -4.90 -12.72
C VAL A 224 7.58 -5.03 -11.79
N LEU A 225 7.93 -3.95 -11.07
CA LEU A 225 8.96 -4.08 -10.02
C LEU A 225 8.25 -4.48 -8.72
N HIS A 226 8.62 -5.63 -8.19
CA HIS A 226 8.08 -6.17 -6.90
C HIS A 226 9.09 -5.90 -5.79
N ILE A 227 8.67 -5.15 -4.77
CA ILE A 227 9.53 -4.79 -3.62
C ILE A 227 8.94 -5.46 -2.38
N GLN A 228 9.69 -6.37 -1.80
CA GLN A 228 9.25 -7.08 -0.58
C GLN A 228 10.11 -6.63 0.59
N TYR A 229 9.46 -6.27 1.70
CA TYR A 229 10.14 -5.91 2.95
C TYR A 229 9.72 -6.90 4.02
N PRO A 230 10.59 -7.88 4.37
CA PRO A 230 10.23 -8.96 5.28
C PRO A 230 10.49 -8.70 6.76
N GLU A 231 10.86 -7.46 7.12
CA GLU A 231 11.20 -7.15 8.53
C GLU A 231 10.23 -6.12 9.12
N TRP A 232 8.97 -6.16 8.69
CA TRP A 232 7.90 -5.32 9.29
C TRP A 232 6.86 -6.22 9.92
N PRO A 233 6.93 -6.45 11.25
CA PRO A 233 5.99 -7.38 11.89
C PRO A 233 4.52 -6.92 11.84
N ASP A 234 3.62 -7.91 11.72
CA ASP A 234 2.15 -7.68 11.81
C ASP A 234 1.79 -6.94 13.10
N HIS A 235 0.92 -5.93 13.00
CA HIS A 235 0.47 -5.09 14.15
C HIS A 235 1.67 -4.49 14.87
N GLY A 236 2.77 -4.30 14.15
CA GLY A 236 4.02 -3.81 14.75
C GLY A 236 4.69 -2.79 13.87
N VAL A 237 5.94 -2.50 14.20
CA VAL A 237 6.75 -1.53 13.43
C VAL A 237 8.17 -2.06 13.30
N PRO A 238 8.87 -1.63 12.23
CA PRO A 238 10.29 -1.95 12.06
C PRO A 238 11.15 -1.31 13.15
N LYS A 239 12.38 -1.80 13.26
CA LYS A 239 13.34 -1.32 14.29
C LYS A 239 13.78 0.12 13.99
N ASP A 240 13.69 0.53 12.72
CA ASP A 240 14.16 1.88 12.30
C ASP A 240 13.43 2.21 11.00
N THR A 241 13.58 3.44 10.52
CA THR A 241 12.79 3.88 9.33
C THR A 241 13.55 3.66 8.03
N VAL A 242 14.76 3.10 8.09
CA VAL A 242 15.67 3.19 6.92
C VAL A 242 15.13 2.36 5.74
N ALA A 243 14.66 1.13 5.96
CA ALA A 243 14.23 0.29 4.83
C ALA A 243 12.94 0.86 4.22
N VAL A 244 12.04 1.34 5.07
CA VAL A 244 10.75 1.87 4.52
C VAL A 244 11.05 3.12 3.69
N ARG A 245 11.98 3.96 4.15
CA ARG A 245 12.32 5.19 3.38
C ARG A 245 13.09 4.79 2.11
N GLU A 246 13.79 3.65 2.12
CA GLU A 246 14.48 3.24 0.88
C GLU A 246 13.43 2.85 -0.17
N ILE A 247 12.30 2.28 0.25
CA ILE A 247 11.20 1.97 -0.72
C ILE A 247 10.77 3.30 -1.35
N LEU A 248 10.46 4.30 -0.51
CA LEU A 248 10.02 5.61 -1.06
C LEU A 248 11.09 6.18 -2.01
N LYS A 249 12.36 6.10 -1.61
CA LYS A 249 13.48 6.68 -2.42
C LYS A 249 13.53 6.01 -3.79
N ARG A 250 13.27 4.70 -3.84
CA ARG A 250 13.31 3.93 -5.11
C ARG A 250 12.10 4.27 -5.98
N LEU A 251 11.02 4.79 -5.36
CA LEU A 251 9.77 5.05 -6.11
C LEU A 251 9.63 6.55 -6.44
N TYR A 252 10.54 7.40 -5.95
CA TYR A 252 10.38 8.87 -6.20
C TYR A 252 10.23 9.17 -7.70
N GLN A 253 10.98 8.45 -8.54
CA GLN A 253 11.09 8.80 -9.98
C GLN A 253 10.14 7.93 -10.81
N VAL A 254 9.31 7.10 -10.17
CA VAL A 254 8.27 6.34 -10.93
C VAL A 254 7.11 7.29 -11.17
N PRO A 255 6.80 7.70 -12.43
CA PRO A 255 5.72 8.64 -12.66
C PRO A 255 4.38 8.09 -12.18
N PRO A 256 3.63 8.84 -11.36
CA PRO A 256 2.27 8.44 -10.99
C PRO A 256 1.35 8.10 -12.17
N SER A 257 1.55 8.76 -13.33
CA SER A 257 0.65 8.52 -14.48
C SER A 257 0.85 7.10 -15.04
N LEU A 258 1.95 6.42 -14.70
CA LEU A 258 2.17 5.04 -15.20
C LEU A 258 1.04 4.14 -14.73
N GLY A 259 0.56 4.41 -13.51
CA GLY A 259 -0.54 3.61 -12.96
C GLY A 259 -0.44 3.51 -11.44
N PRO A 260 -1.48 2.94 -10.79
CA PRO A 260 -1.50 2.84 -9.33
C PRO A 260 -0.39 1.90 -8.84
N ILE A 261 0.16 2.24 -7.68
CA ILE A 261 1.12 1.38 -6.96
C ILE A 261 0.32 0.39 -6.12
N ILE A 262 0.53 -0.91 -6.31
CA ILE A 262 -0.12 -1.89 -5.41
C ILE A 262 0.67 -1.90 -4.10
N VAL A 263 -0.04 -1.84 -2.98
CA VAL A 263 0.60 -1.94 -1.64
C VAL A 263 -0.21 -2.98 -0.89
N HIS A 264 0.46 -4.02 -0.40
CA HIS A 264 -0.26 -5.05 0.36
C HIS A 264 0.62 -5.57 1.48
N CYS A 265 -0.05 -6.07 2.50
CA CYS A 265 0.61 -6.83 3.57
C CYS A 265 -0.21 -8.12 3.71
N SER A 266 -0.82 -8.34 4.86
CA SER A 266 -1.71 -9.52 5.02
C SER A 266 -3.16 -9.07 4.83
N ALA A 267 -3.64 -8.14 5.66
CA ALA A 267 -5.00 -7.59 5.45
C ALA A 267 -5.00 -6.40 4.48
N GLY A 268 -3.86 -5.74 4.26
CA GLY A 268 -3.84 -4.55 3.42
C GLY A 268 -4.36 -3.29 4.10
N ILE A 269 -4.17 -3.16 5.43
CA ILE A 269 -4.64 -1.93 6.11
C ILE A 269 -3.62 -1.38 7.13
N GLY A 270 -2.96 -2.23 7.91
CA GLY A 270 -2.07 -1.71 8.97
C GLY A 270 -0.75 -1.22 8.41
N ARG A 271 0.14 -2.15 8.09
CA ARG A 271 1.42 -1.80 7.45
C ARG A 271 1.16 -1.07 6.13
N THR A 272 0.20 -1.57 5.35
CA THR A 272 -0.17 -0.97 4.05
C THR A 272 -0.56 0.51 4.25
N GLY A 273 -1.48 0.78 5.19
CA GLY A 273 -1.92 2.16 5.43
C GLY A 273 -0.76 3.04 5.88
N THR A 274 0.09 2.50 6.75
CA THR A 274 1.27 3.24 7.27
C THR A 274 2.19 3.61 6.11
N TYR A 275 2.54 2.64 5.27
CA TYR A 275 3.42 2.93 4.11
C TYR A 275 2.75 4.01 3.23
N CYS A 276 1.47 3.82 2.87
CA CYS A 276 0.81 4.79 1.97
C CYS A 276 0.85 6.19 2.61
N ALA A 277 0.72 6.28 3.93
CA ALA A 277 0.66 7.60 4.59
C ALA A 277 2.03 8.27 4.47
N ILE A 278 3.11 7.50 4.58
CA ILE A 278 4.49 8.08 4.51
C ILE A 278 4.75 8.56 3.08
N HIS A 279 4.53 7.65 2.13
CA HIS A 279 4.72 7.94 0.68
C HIS A 279 3.87 9.16 0.26
N ASN A 280 2.57 9.11 0.57
CA ASN A 280 1.63 10.19 0.19
C ASN A 280 2.04 11.53 0.84
N THR A 281 2.39 11.53 2.12
CA THR A 281 2.69 12.81 2.82
C THR A 281 3.94 13.46 2.19
N ILE A 282 4.98 12.68 1.96
CA ILE A 282 6.23 13.25 1.38
C ILE A 282 5.93 13.78 -0.03
N GLN A 283 5.25 13.00 -0.86
CA GLN A 283 4.95 13.48 -2.24
C GLN A 283 4.10 14.76 -2.18
N ARG A 284 3.13 14.82 -1.27
CA ARG A 284 2.29 16.05 -1.19
C ARG A 284 3.07 17.26 -0.70
N ILE A 285 4.03 17.09 0.22
CA ILE A 285 4.88 18.24 0.63
C ILE A 285 5.68 18.70 -0.61
N LEU A 286 6.24 17.76 -1.37
CA LEU A 286 7.05 18.10 -2.57
C LEU A 286 6.18 18.76 -3.64
N ALA A 287 4.88 18.50 -3.63
CA ALA A 287 3.96 19.09 -4.63
C ALA A 287 3.35 20.40 -4.12
N GLY A 288 3.67 20.83 -2.89
CA GLY A 288 3.19 22.12 -2.37
C GLY A 288 1.81 22.04 -1.74
N ASP A 289 1.36 20.85 -1.35
CA ASP A 289 0.03 20.70 -0.71
C ASP A 289 0.18 20.89 0.81
N MET A 290 -0.22 22.07 1.32
CA MET A 290 -0.08 22.40 2.76
C MET A 290 -0.82 21.37 3.62
N SER A 291 -1.88 20.78 3.07
CA SER A 291 -2.77 19.92 3.90
C SER A 291 -2.03 18.64 4.30
N ALA A 292 -0.89 18.39 3.70
CA ALA A 292 -0.10 17.19 4.04
C ALA A 292 0.42 17.30 5.48
N LEU A 293 0.47 18.50 6.04
CA LEU A 293 0.96 18.64 7.43
C LEU A 293 -0.05 18.07 8.43
N ASP A 294 -1.31 17.88 8.03
CA ASP A 294 -2.33 17.27 8.93
C ASP A 294 -2.38 15.76 8.66
N LEU A 295 -1.49 15.02 9.32
CA LEU A 295 -1.41 13.54 9.07
C LEU A 295 -2.69 12.88 9.57
N ALA A 296 -3.30 13.38 10.64
CA ALA A 296 -4.57 12.77 11.11
C ALA A 296 -5.64 12.88 10.02
N LYS A 297 -5.71 14.03 9.33
CA LYS A 297 -6.70 14.21 8.24
C LYS A 297 -6.38 13.22 7.11
N THR A 298 -5.09 13.03 6.84
CA THR A 298 -4.70 12.06 5.77
C THR A 298 -5.19 10.66 6.15
N VAL A 299 -4.94 10.26 7.39
CA VAL A 299 -5.31 8.88 7.80
C VAL A 299 -6.86 8.78 7.84
N ALA A 300 -7.55 9.84 8.25
CA ALA A 300 -9.03 9.84 8.22
C ALA A 300 -9.53 9.63 6.79
N LEU A 301 -8.89 10.30 5.83
CA LEU A 301 -9.32 10.18 4.41
C LEU A 301 -9.02 8.76 3.92
N PHE A 302 -7.87 8.19 4.31
CA PHE A 302 -7.53 6.82 3.93
C PHE A 302 -8.60 5.86 4.48
N ARG A 303 -9.05 6.13 5.71
CA ARG A 303 -10.01 5.20 6.36
C ARG A 303 -11.38 5.28 5.68
N LYS A 304 -11.70 6.44 5.12
CA LYS A 304 -12.94 6.61 4.32
C LYS A 304 -12.83 5.83 3.00
N GLN A 305 -11.62 5.39 2.64
N GLN A 305 -11.62 5.38 2.65
CA GLN A 305 -11.40 4.67 1.35
CA GLN A 305 -11.37 4.68 1.35
C GLN A 305 -11.09 3.19 1.60
C GLN A 305 -11.07 3.20 1.59
N ARG A 306 -10.64 2.85 2.80
CA ARG A 306 -10.44 1.42 3.17
C ARG A 306 -10.43 1.34 4.68
N ILE A 307 -11.30 0.50 5.23
CA ILE A 307 -11.54 0.43 6.70
C ILE A 307 -10.22 0.21 7.43
N GLY A 308 -9.96 1.02 8.47
CA GLY A 308 -8.94 0.69 9.47
C GLY A 308 -7.51 0.98 9.02
N MET A 309 -7.31 1.68 7.90
CA MET A 309 -5.94 2.05 7.44
C MET A 309 -5.14 2.67 8.61
N VAL A 310 -3.93 2.14 8.86
CA VAL A 310 -3.05 2.45 10.02
C VAL A 310 -3.69 1.87 11.28
N GLN A 311 -3.21 0.70 11.71
CA GLN A 311 -3.98 -0.10 12.70
C GLN A 311 -3.60 0.26 14.15
N THR A 312 -2.36 0.69 14.39
CA THR A 312 -1.94 0.80 15.80
C THR A 312 -1.34 2.17 16.09
N MET A 313 -1.27 2.52 17.37
N MET A 313 -1.32 2.51 17.39
CA MET A 313 -0.62 3.80 17.73
CA MET A 313 -0.63 3.71 17.90
C MET A 313 0.87 3.74 17.41
C MET A 313 0.83 3.72 17.43
N ASP A 314 1.53 2.58 17.55
CA ASP A 314 2.97 2.52 17.20
C ASP A 314 3.14 2.77 15.70
N GLN A 315 2.20 2.26 14.89
CA GLN A 315 2.26 2.49 13.42
C GLN A 315 2.09 3.98 13.14
N TYR A 316 1.18 4.65 13.84
CA TYR A 316 0.97 6.11 13.65
C TYR A 316 2.25 6.88 14.03
N PHE A 317 2.89 6.51 15.15
CA PHE A 317 4.18 7.13 15.52
C PHE A 317 5.25 6.85 14.45
N PHE A 318 5.23 5.63 13.91
CA PHE A 318 6.22 5.25 12.86
C PHE A 318 6.03 6.15 11.63
N CYS A 319 4.78 6.49 11.29
CA CYS A 319 4.54 7.45 10.18
C CYS A 319 5.30 8.75 10.47
N TYR A 320 5.11 9.29 11.67
CA TYR A 320 5.77 10.56 12.06
C TYR A 320 7.28 10.39 11.96
N ASN A 321 7.82 9.31 12.53
CA ASN A 321 9.28 9.16 12.58
C ASN A 321 9.85 9.04 11.15
N ALA A 322 9.16 8.30 10.28
CA ALA A 322 9.66 8.08 8.91
C ALA A 322 9.58 9.40 8.12
N ILE A 323 8.49 10.14 8.33
CA ILE A 323 8.32 11.43 7.62
C ILE A 323 9.42 12.40 8.07
N VAL A 324 9.63 12.52 9.37
CA VAL A 324 10.74 13.38 9.89
C VAL A 324 12.07 12.94 9.28
N ASP A 325 12.36 11.65 9.31
CA ASP A 325 13.69 11.16 8.87
C ASP A 325 13.88 11.47 7.39
N GLU A 326 12.80 11.35 6.60
CA GLU A 326 12.92 11.57 5.14
C GLU A 326 13.04 13.06 4.86
N LEU A 327 12.35 13.91 5.64
CA LEU A 327 12.47 15.37 5.43
C LEU A 327 13.88 15.80 5.84
N GLU A 328 14.48 15.13 6.83
CA GLU A 328 15.88 15.45 7.22
C GLU A 328 16.78 15.11 6.01
N ASP A 329 16.55 13.98 5.36
CA ASP A 329 17.36 13.62 4.16
C ASP A 329 17.13 14.64 3.04
N LEU A 330 15.87 15.03 2.83
CA LEU A 330 15.53 15.91 1.68
C LEU A 330 16.17 17.28 1.90
N THR A 331 16.37 17.69 3.17
CA THR A 331 16.88 19.05 3.49
C THR A 331 18.37 18.97 3.87
N ALA A 332 19.00 17.80 3.76
CA ALA A 332 20.36 17.62 4.35
C ALA A 332 21.37 18.57 3.69
I IOD B . -12.13 3.13 10.55
I IOD C . 5.05 -11.10 9.02
CAC FLC D . -0.66 -5.11 9.90
CA FLC D . -1.39 -6.43 10.10
CB FLC D . -2.37 -6.76 8.97
CBC FLC D . -3.22 -5.49 8.70
CG FLC D . -3.27 -7.95 9.38
CGC FLC D . -2.57 -9.11 10.06
OA1 FLC D . -0.49 -4.75 8.72
OA2 FLC D . -0.28 -4.49 10.89
OB1 FLC D . -3.26 -5.07 7.54
OB2 FLC D . -3.76 -4.94 9.69
OG1 FLC D . -1.43 -9.47 9.67
OG2 FLC D . -3.15 -9.62 11.04
OHB FLC D . -1.65 -7.15 7.81
#